data_4CXH
#
_entry.id   4CXH
#
_cell.length_a   1.000
_cell.length_b   1.000
_cell.length_c   1.000
_cell.angle_alpha   90.00
_cell.angle_beta   90.00
_cell.angle_gamma   90.00
#
_symmetry.space_group_name_H-M   'P 1'
#
loop_
_entity.id
_entity.type
_entity.pdbx_description
1 polymer '18S RRNA - H44'
2 polymer '28S RRNA - H89'
3 polymer 'ELONGATION FACTOR 1A'
4 polymer '40S RIBOSOMAL PROTEIN US12'
5 polymer 'TRANSFER RNA'
6 polymer '18S RRNA - H5-H14'
7 polymer '18S RRNA - H8'
8 polymer '28S RRNA - H95'
9 polymer 'MESSENGER RNA'
10 non-polymer PHENYLALANINE
#
loop_
_entity_poly.entity_id
_entity_poly.type
_entity_poly.pdbx_seq_one_letter_code
_entity_poly.pdbx_strand_id
1 'polyribonucleotide'
;CGCCCGUCGCUACUACCGAUUGGAUGGUUUAGUGAGGCCCUCGGAUCGGCCCCGCCGGGGUCGGCCCACGGCCCUGGCGG
AGCGCUGAGAAGACGGUCGAACUUGACUAUCUAGAGGAAGUAAAAGUCGUAACAA
;
1
2 'polyribonucleotide' UGGCUUGUGGCGGCCAAGCGUUCAUAGCGACGUCGCUUUUUGAUCCUUCG 2
3 'polypeptide(L)'
;MAEKPHMNLVVIGHVDHGKSTLVGHLLYRLGYIEEKKLKELEEQAKSRGKESFKFAWILDKMKEERERGITIDLTFMKFE
TKKYVFTIIDAPGHRDFVKNMITGASQADAAILVVSARKGEFEAGMSTEGQTREHLLLARTMGIEQIIVAVNKMDAPDVN
YDQKRYEFVVSVLKKFMKGLGYQVDKIPFIPVSAWKGDNLIERSPNMPWYNGPTLVEALDQLQPPAKPVDKPLRIPVQNV
YSIPGAGTVPVGRVETGVLRVGDKVVFMPPGVVGEVRSIEMHYQQLQQAEPGDNIGFAVRGVSKSDIKRGDVAGHLDKPP
TVAEEFEARIFVIWHPSAITVGYTPVIHVHTASVSSRIIEIKAKLDPKTGQVVEQNPQFLKAGDAAIVRFKPVKPLVVEK
FSEIPQLGRFAMRDMNRTVGIGIVTDVKPAKVDIKAK
;
A
4 'polypeptide(L)'
;MGKCRGLRTARKLRSHRRDQKWHDKQYKKAHLGTALKANPFGGASHAKGIVLEKVGVEAKQPNSAIRKCVRVQLIKNGKK
ITAFVPNDGCLNFIEENDEVLVAGFGRKGHAVGDIPGVRFKVVKVANVSLLALYKGKKERPRS
;
X
5 'polyribonucleotide'
;GCGGAUUUA(2MG)CUCAG(H2U)(H2U)GGGAGAGC(M2G)CCGGU(OMC)UCCA(MIA)AACCGGAG(7MG)UC
(5MC)UGUG(5MU)(PSU)CG(1MA)UCCACAGAAUUCGCACCA
;
Y
6 'polyribonucleotide' ACAUCCAAGGAAGGCAGCAGGCGCGCAAAUUACCCACUCCCGACCCGG a
7 'polyribonucleotide' CUGUGGUAAUUCUAGAG b
8 'polyribonucleotide' CUGCUCAGUACGAGAGGAA c
9 'polyribonucleotide' UUUUUUUUUUUUUUUUUUUUUUUUUUUU x
#
# COMPACT_ATOMS: atom_id res chain seq x y z
N LYS C 4 8.82 -28.30 5.72
CA LYS C 4 7.38 -28.11 5.77
C LYS C 4 6.97 -26.90 4.93
N PRO C 5 6.14 -27.14 3.91
CA PRO C 5 5.87 -26.08 2.91
C PRO C 5 5.04 -24.91 3.49
N HIS C 6 5.31 -23.71 3.00
CA HIS C 6 4.64 -22.52 3.49
C HIS C 6 3.55 -22.02 2.54
N MET C 7 2.43 -21.61 3.11
CA MET C 7 1.35 -21.05 2.31
C MET C 7 0.72 -19.78 2.90
N ASN C 8 0.27 -18.91 2.00
CA ASN C 8 -0.46 -17.72 2.41
C ASN C 8 -1.98 -17.86 2.27
N LEU C 9 -2.66 -17.58 3.36
CA LEU C 9 -4.11 -17.76 3.50
C LEU C 9 -4.74 -16.38 3.77
N VAL C 10 -5.71 -15.99 2.96
CA VAL C 10 -6.47 -14.79 3.23
C VAL C 10 -7.86 -15.23 3.67
N VAL C 11 -8.41 -14.51 4.63
CA VAL C 11 -9.73 -14.80 5.16
C VAL C 11 -10.64 -13.68 4.66
N ILE C 12 -11.72 -14.04 3.99
CA ILE C 12 -12.51 -13.02 3.34
C ILE C 12 -14.00 -13.22 3.63
N GLY C 13 -14.82 -12.26 3.19
CA GLY C 13 -16.25 -12.36 3.44
C GLY C 13 -16.90 -11.10 3.98
N HIS C 14 -18.22 -11.09 3.93
CA HIS C 14 -19.04 -9.95 4.29
C HIS C 14 -18.82 -9.45 5.72
N VAL C 15 -19.03 -8.15 5.94
CA VAL C 15 -18.91 -7.55 7.27
C VAL C 15 -19.67 -8.34 8.37
N ASP C 16 -19.00 -8.59 9.49
CA ASP C 16 -19.59 -9.27 10.65
C ASP C 16 -19.87 -10.77 10.47
N HIS C 17 -19.49 -11.34 9.33
CA HIS C 17 -19.81 -12.75 9.10
C HIS C 17 -18.97 -13.68 9.96
N GLY C 18 -17.87 -13.18 10.51
CA GLY C 18 -17.11 -13.90 11.50
C GLY C 18 -15.65 -14.19 11.21
N LYS C 19 -15.06 -13.42 10.28
CA LYS C 19 -13.69 -13.67 9.82
C LYS C 19 -12.67 -13.70 10.96
N SER C 20 -12.61 -12.63 11.74
CA SER C 20 -11.61 -12.50 12.79
C SER C 20 -11.83 -13.44 13.97
N THR C 21 -13.09 -13.75 14.24
CA THR C 21 -13.45 -14.66 15.30
C THR C 21 -13.01 -16.07 14.95
N LEU C 22 -13.13 -16.43 13.66
CA LEU C 22 -12.67 -17.71 13.18
C LEU C 22 -11.17 -17.80 13.36
N VAL C 23 -10.42 -16.87 12.77
CA VAL C 23 -8.96 -16.93 12.85
C VAL C 23 -8.49 -16.98 14.30
N GLY C 24 -8.98 -16.05 15.11
CA GLY C 24 -8.62 -15.97 16.52
C GLY C 24 -8.92 -17.28 17.25
N HIS C 25 -10.15 -17.75 17.12
CA HIS C 25 -10.54 -18.98 17.80
C HIS C 25 -9.76 -20.19 17.29
N LEU C 26 -9.49 -20.24 15.98
CA LEU C 26 -8.63 -21.29 15.43
C LEU C 26 -7.23 -21.28 16.04
N LEU C 27 -6.60 -20.11 16.10
CA LEU C 27 -5.28 -19.98 16.71
C LEU C 27 -5.30 -20.44 18.18
N TYR C 28 -6.44 -20.24 18.84
CA TYR C 28 -6.55 -20.55 20.26
C TYR C 28 -6.60 -22.04 20.56
N ARG C 29 -7.53 -22.76 19.96
CA ARG C 29 -7.70 -24.19 20.22
C ARG C 29 -6.54 -24.97 19.61
N LEU C 30 -5.77 -24.31 18.74
CA LEU C 30 -4.50 -24.82 18.25
C LEU C 30 -3.37 -24.42 19.19
N GLY C 31 -3.74 -23.75 20.28
CA GLY C 31 -2.79 -23.39 21.32
C GLY C 31 -1.72 -22.37 20.99
N TYR C 32 -1.99 -21.47 20.03
CA TYR C 32 -1.04 -20.41 19.66
C TYR C 32 -1.24 -19.15 20.46
N ILE C 33 -2.27 -19.13 21.28
CA ILE C 33 -2.62 -17.95 22.04
C ILE C 33 -2.68 -18.28 23.51
N GLU C 34 -1.91 -17.53 24.30
CA GLU C 34 -1.86 -17.68 25.74
C GLU C 34 -3.22 -17.54 26.40
N GLU C 35 -3.59 -18.55 27.19
CA GLU C 35 -4.86 -18.55 27.91
C GLU C 35 -5.01 -17.34 28.80
N LYS C 36 -3.91 -16.86 29.34
CA LYS C 36 -3.92 -15.68 30.20
C LYS C 36 -4.28 -14.44 29.39
N LYS C 37 -3.78 -14.38 28.15
CA LYS C 37 -4.10 -13.27 27.26
C LYS C 37 -5.55 -13.32 26.80
N LEU C 38 -6.02 -14.50 26.40
CA LEU C 38 -7.42 -14.66 26.08
C LEU C 38 -8.32 -14.23 27.24
N LYS C 39 -7.89 -14.55 28.45
CA LYS C 39 -8.60 -14.14 29.67
C LYS C 39 -8.69 -12.63 29.78
N GLU C 40 -7.53 -11.96 29.66
CA GLU C 40 -7.46 -10.49 29.71
C GLU C 40 -8.26 -9.80 28.61
N LEU C 41 -8.20 -10.34 27.39
CA LEU C 41 -8.94 -9.77 26.27
C LEU C 41 -10.43 -9.82 26.53
N GLU C 42 -10.88 -10.97 27.00
CA GLU C 42 -12.27 -11.21 27.35
C GLU C 42 -12.78 -10.20 28.37
N GLU C 43 -11.97 -9.97 29.42
CA GLU C 43 -12.32 -9.02 30.46
C GLU C 43 -12.40 -7.60 29.89
N GLN C 44 -11.39 -7.22 29.10
CA GLN C 44 -11.41 -5.95 28.40
C GLN C 44 -12.59 -5.83 27.44
N ALA C 45 -12.93 -6.93 26.76
CA ALA C 45 -14.07 -6.92 25.85
C ALA C 45 -15.39 -6.71 26.57
N LYS C 46 -15.58 -7.42 27.69
CA LYS C 46 -16.82 -7.31 28.45
C LYS C 46 -16.98 -5.92 29.03
N SER C 47 -15.87 -5.33 29.44
CA SER C 47 -15.89 -4.06 30.16
C SER C 47 -16.17 -2.91 29.21
N ARG C 48 -16.07 -3.19 27.91
CA ARG C 48 -16.33 -2.17 26.93
C ARG C 48 -17.64 -2.47 26.21
N GLY C 49 -18.39 -3.43 26.73
CA GLY C 49 -19.68 -3.83 26.19
C GLY C 49 -19.63 -4.76 24.99
N LYS C 50 -18.52 -5.47 24.82
CA LYS C 50 -18.33 -6.26 23.62
C LYS C 50 -17.79 -7.65 23.91
N GLU C 51 -18.45 -8.38 24.80
CA GLU C 51 -18.04 -9.73 25.17
C GLU C 51 -17.70 -10.59 23.95
N SER C 52 -18.59 -10.58 22.97
CA SER C 52 -18.49 -11.50 21.83
C SER C 52 -17.34 -11.15 20.88
N PHE C 53 -16.49 -10.22 21.27
CA PHE C 53 -15.35 -9.84 20.43
C PHE C 53 -13.99 -10.35 20.93
N LYS C 54 -14.02 -11.24 21.92
CA LYS C 54 -12.80 -11.72 22.56
C LYS C 54 -11.82 -12.43 21.63
N PHE C 55 -12.31 -13.24 20.71
CA PHE C 55 -11.46 -13.89 19.72
C PHE C 55 -11.05 -12.92 18.62
N ALA C 56 -12.03 -12.17 18.11
CA ALA C 56 -11.77 -11.13 17.12
C ALA C 56 -10.70 -10.13 17.61
N TRP C 57 -10.74 -9.79 18.90
CA TRP C 57 -9.75 -8.83 19.42
C TRP C 57 -8.30 -9.33 19.52
N ILE C 58 -8.10 -10.63 19.27
CA ILE C 58 -6.75 -11.14 19.06
C ILE C 58 -6.18 -10.50 17.77
N LEU C 59 -7.03 -10.29 16.77
CA LEU C 59 -6.60 -9.73 15.49
C LEU C 59 -6.82 -8.21 15.44
N ASP C 60 -7.99 -7.76 15.87
CA ASP C 60 -8.33 -6.34 15.81
C ASP C 60 -7.73 -5.60 17.00
N LYS C 61 -6.71 -4.79 16.75
CA LYS C 61 -5.94 -4.15 17.81
C LYS C 61 -6.03 -2.62 17.80
N MET C 62 -6.30 -2.05 16.64
CA MET C 62 -6.37 -0.62 16.51
C MET C 62 -7.51 -0.03 17.32
N LYS C 63 -7.31 1.20 17.78
CA LYS C 63 -8.29 1.90 18.58
C LYS C 63 -9.63 2.02 17.86
N GLU C 64 -9.61 2.35 16.57
CA GLU C 64 -10.85 2.47 15.82
C GLU C 64 -11.51 1.10 15.55
N GLU C 65 -10.72 0.05 15.34
CA GLU C 65 -11.27 -1.30 15.20
C GLU C 65 -12.03 -1.71 16.44
N ARG C 66 -11.43 -1.49 17.61
CA ARG C 66 -12.05 -1.91 18.86
C ARG C 66 -13.29 -1.06 19.15
N GLU C 67 -13.21 0.25 18.92
CA GLU C 67 -14.33 1.15 19.19
C GLU C 67 -15.54 0.76 18.34
N ARG C 68 -15.29 0.51 17.06
CA ARG C 68 -16.38 0.19 16.16
C ARG C 68 -16.75 -1.29 16.14
N GLY C 69 -15.85 -2.16 16.59
CA GLY C 69 -16.10 -3.59 16.44
C GLY C 69 -15.99 -4.08 14.99
N ILE C 70 -15.05 -3.54 14.23
CA ILE C 70 -14.81 -4.03 12.88
C ILE C 70 -13.32 -4.15 12.61
N THR C 71 -12.93 -4.95 11.62
CA THR C 71 -11.54 -4.97 11.16
C THR C 71 -11.39 -3.84 10.15
N ILE C 72 -10.24 -3.18 10.17
CA ILE C 72 -9.95 -2.11 9.23
C ILE C 72 -8.82 -2.51 8.29
N ASP C 73 -7.72 -2.99 8.83
CA ASP C 73 -6.68 -3.48 7.93
C ASP C 73 -6.11 -4.84 8.29
N LEU C 74 -5.25 -5.33 7.41
CA LEU C 74 -4.77 -6.70 7.46
C LEU C 74 -3.99 -6.98 8.73
N THR C 75 -4.14 -8.21 9.21
CA THR C 75 -3.32 -8.75 10.29
C THR C 75 -2.75 -10.06 9.82
N PHE C 76 -1.48 -10.31 10.14
CA PHE C 76 -0.78 -11.51 9.71
C PHE C 76 -0.42 -12.37 10.92
N MET C 77 -0.79 -13.65 10.87
CA MET C 77 -0.47 -14.57 11.96
C MET C 77 0.08 -15.88 11.40
N LYS C 78 1.10 -16.40 12.07
CA LYS C 78 1.69 -17.68 11.71
C LYS C 78 1.07 -18.77 12.54
N PHE C 79 0.63 -19.84 11.89
CA PHE C 79 0.33 -21.07 12.60
C PHE C 79 0.67 -22.24 11.72
N GLU C 80 0.70 -23.43 12.31
CA GLU C 80 1.28 -24.61 11.67
C GLU C 80 0.39 -25.83 11.78
N THR C 81 -0.03 -26.39 10.65
CA THR C 81 -0.80 -27.64 10.65
C THR C 81 0.09 -28.87 10.49
N LYS C 82 -0.53 -30.03 10.29
CA LYS C 82 0.23 -31.28 10.16
C LYS C 82 1.16 -31.24 8.95
N LYS C 83 0.68 -30.70 7.84
CA LYS C 83 1.48 -30.69 6.64
C LYS C 83 2.09 -29.33 6.34
N TYR C 84 1.41 -28.25 6.72
CA TYR C 84 1.82 -26.91 6.28
C TYR C 84 2.12 -25.93 7.38
N VAL C 85 2.91 -24.92 7.04
CA VAL C 85 2.96 -23.70 7.84
C VAL C 85 2.27 -22.59 7.04
N PHE C 86 1.30 -21.94 7.69
CA PHE C 86 0.53 -20.89 7.06
C PHE C 86 0.90 -19.53 7.63
N THR C 87 0.93 -18.53 6.75
CA THR C 87 0.77 -17.15 7.16
C THR C 87 -0.70 -16.87 6.90
N ILE C 88 -1.45 -16.53 7.95
CA ILE C 88 -2.88 -16.28 7.80
C ILE C 88 -3.18 -14.77 7.84
N ILE C 89 -3.98 -14.33 6.88
CA ILE C 89 -4.22 -12.90 6.73
C ILE C 89 -5.68 -12.50 6.97
N ASP C 90 -5.92 -11.77 8.04
CA ASP C 90 -7.25 -11.34 8.41
C ASP C 90 -7.64 -10.06 7.65
N ALA C 91 -8.66 -10.16 6.81
CA ALA C 91 -9.06 -9.04 5.97
C ALA C 91 -10.41 -8.46 6.39
N PRO C 92 -10.59 -7.14 6.20
CA PRO C 92 -11.84 -6.49 6.62
C PRO C 92 -13.01 -6.73 5.64
N GLY C 93 -14.24 -6.71 6.15
CA GLY C 93 -15.41 -6.88 5.31
C GLY C 93 -16.07 -5.56 4.94
N HIS C 94 -15.79 -4.53 5.73
CA HIS C 94 -16.46 -3.26 5.58
C HIS C 94 -16.14 -2.70 4.19
N ARG C 95 -17.17 -2.19 3.55
CA ARG C 95 -17.06 -1.67 2.19
C ARG C 95 -16.06 -0.56 2.03
N ASP C 96 -15.87 0.25 3.08
CA ASP C 96 -14.85 1.29 3.06
C ASP C 96 -13.43 0.72 2.90
N PHE C 97 -13.21 -0.50 3.36
CA PHE C 97 -11.85 -1.03 3.35
C PHE C 97 -11.63 -2.21 2.42
N VAL C 98 -12.43 -2.31 1.34
CA VAL C 98 -12.15 -3.36 0.37
C VAL C 98 -10.79 -3.17 -0.34
N LYS C 99 -10.30 -1.95 -0.44
CA LYS C 99 -8.95 -1.72 -0.93
C LYS C 99 -7.90 -2.47 -0.08
N ASN C 100 -8.14 -2.59 1.22
CA ASN C 100 -7.22 -3.34 2.07
C ASN C 100 -7.36 -4.85 1.85
N MET C 101 -8.60 -5.31 1.70
CA MET C 101 -8.85 -6.72 1.43
C MET C 101 -8.17 -7.15 0.13
N ILE C 102 -8.13 -6.25 -0.84
CA ILE C 102 -7.55 -6.55 -2.15
C ILE C 102 -6.04 -6.73 -2.06
N THR C 103 -5.36 -5.86 -1.32
CA THR C 103 -3.92 -6.07 -1.12
C THR C 103 -3.68 -7.43 -0.45
N GLY C 104 -4.58 -7.81 0.44
CA GLY C 104 -4.51 -9.08 1.11
C GLY C 104 -4.62 -10.25 0.14
N ALA C 105 -5.63 -10.21 -0.74
CA ALA C 105 -5.82 -11.23 -1.76
C ALA C 105 -4.63 -11.34 -2.70
N SER C 106 -4.03 -10.21 -3.06
CA SER C 106 -2.87 -10.18 -3.93
C SER C 106 -1.70 -10.95 -3.36
N GLN C 107 -1.65 -11.06 -2.03
CA GLN C 107 -0.58 -11.79 -1.37
C GLN C 107 -0.94 -13.25 -1.03
N ALA C 108 -2.08 -13.75 -1.49
CA ALA C 108 -2.55 -15.02 -0.97
C ALA C 108 -2.40 -16.20 -1.94
N ASP C 109 -2.25 -17.40 -1.38
CA ASP C 109 -2.16 -18.62 -2.16
C ASP C 109 -3.52 -19.30 -2.17
N ALA C 110 -4.30 -19.06 -1.13
CA ALA C 110 -5.58 -19.71 -0.93
C ALA C 110 -6.45 -18.78 -0.11
N ALA C 111 -7.74 -19.08 -0.07
CA ALA C 111 -8.67 -18.25 0.67
C ALA C 111 -9.65 -19.08 1.48
N ILE C 112 -9.93 -18.60 2.70
CA ILE C 112 -11.10 -19.07 3.42
C ILE C 112 -12.19 -18.02 3.31
N LEU C 113 -13.27 -18.38 2.65
CA LEU C 113 -14.43 -17.53 2.57
C LEU C 113 -15.32 -17.83 3.74
N VAL C 114 -15.49 -16.85 4.63
CA VAL C 114 -16.34 -17.02 5.80
C VAL C 114 -17.71 -16.42 5.55
N VAL C 115 -18.74 -17.26 5.61
CA VAL C 115 -20.09 -16.87 5.20
C VAL C 115 -21.12 -17.22 6.28
N SER C 116 -21.79 -16.21 6.82
CA SER C 116 -22.75 -16.44 7.90
C SER C 116 -24.00 -17.15 7.39
N ALA C 117 -24.43 -18.17 8.10
CA ALA C 117 -25.67 -18.86 7.76
C ALA C 117 -26.89 -18.21 8.42
N ARG C 118 -26.65 -17.18 9.22
CA ARG C 118 -27.72 -16.56 9.99
C ARG C 118 -28.71 -15.93 9.06
N LYS C 119 -29.98 -15.92 9.47
CA LYS C 119 -31.04 -15.47 8.60
C LYS C 119 -30.86 -13.99 8.29
N GLY C 120 -30.80 -13.65 7.01
CA GLY C 120 -30.61 -12.29 6.59
C GLY C 120 -29.13 -11.92 6.39
N GLU C 121 -28.24 -12.46 7.25
CA GLU C 121 -26.82 -12.15 7.14
C GLU C 121 -26.29 -12.73 5.84
N PHE C 122 -26.66 -13.97 5.56
CA PHE C 122 -26.27 -14.61 4.31
C PHE C 122 -26.75 -13.85 3.11
N GLU C 123 -28.06 -13.59 3.07
CA GLU C 123 -28.68 -12.97 1.91
C GLU C 123 -28.07 -11.60 1.63
N ALA C 124 -27.78 -10.87 2.70
CA ALA C 124 -27.13 -9.56 2.63
C ALA C 124 -25.74 -9.65 2.00
N GLY C 125 -24.95 -10.63 2.42
CA GLY C 125 -23.61 -10.81 1.91
C GLY C 125 -23.62 -11.17 0.44
N MET C 126 -24.63 -11.95 0.05
CA MET C 126 -24.76 -12.41 -1.33
C MET C 126 -25.62 -11.48 -2.17
N SER C 127 -26.06 -10.37 -1.57
CA SER C 127 -26.83 -9.38 -2.31
C SER C 127 -25.96 -8.65 -3.30
N THR C 128 -26.62 -7.98 -4.24
CA THR C 128 -25.99 -7.21 -5.31
C THR C 128 -24.75 -6.44 -4.83
N GLU C 129 -24.88 -5.76 -3.70
CA GLU C 129 -23.79 -4.94 -3.17
C GLU C 129 -23.15 -5.56 -1.93
N GLY C 130 -23.28 -6.89 -1.80
CA GLY C 130 -22.72 -7.62 -0.68
C GLY C 130 -21.29 -8.10 -0.91
N GLN C 131 -20.56 -8.29 0.19
CA GLN C 131 -19.14 -8.62 0.13
C GLN C 131 -18.79 -10.10 0.10
N THR C 132 -19.79 -10.97 0.22
CA THR C 132 -19.53 -12.38 -0.11
C THR C 132 -19.35 -12.42 -1.62
N ARG C 133 -20.32 -11.85 -2.31
CA ARG C 133 -20.29 -11.61 -3.75
C ARG C 133 -19.01 -10.91 -4.19
N GLU C 134 -18.77 -9.71 -3.63
CA GLU C 134 -17.63 -8.89 -4.07
C GLU C 134 -16.26 -9.53 -3.76
N HIS C 135 -16.08 -10.02 -2.53
CA HIS C 135 -14.82 -10.66 -2.16
C HIS C 135 -14.52 -11.93 -2.98
N LEU C 136 -15.53 -12.75 -3.23
CA LEU C 136 -15.36 -13.88 -4.15
C LEU C 136 -14.83 -13.44 -5.52
N LEU C 137 -15.50 -12.44 -6.10
CA LEU C 137 -15.10 -11.87 -7.38
C LEU C 137 -13.65 -11.37 -7.35
N LEU C 138 -13.30 -10.58 -6.33
CA LEU C 138 -11.96 -10.00 -6.25
C LEU C 138 -10.89 -11.07 -6.00
N ALA C 139 -11.25 -12.11 -5.27
CA ALA C 139 -10.29 -13.16 -4.98
C ALA C 139 -9.95 -13.90 -6.28
N ARG C 140 -10.97 -14.14 -7.10
CA ARG C 140 -10.74 -14.75 -8.38
C ARG C 140 -9.79 -13.87 -9.19
N THR C 141 -10.07 -12.56 -9.26
CA THR C 141 -9.27 -11.73 -10.17
C THR C 141 -7.85 -11.54 -9.71
N MET C 142 -7.61 -11.59 -8.41
CA MET C 142 -6.25 -11.46 -7.92
C MET C 142 -5.50 -12.81 -8.00
N GLY C 143 -6.16 -13.82 -8.54
CA GLY C 143 -5.50 -15.08 -8.84
C GLY C 143 -5.47 -16.11 -7.72
N ILE C 144 -6.54 -16.15 -6.93
CA ILE C 144 -6.67 -17.18 -5.92
C ILE C 144 -7.56 -18.30 -6.46
N GLU C 145 -7.05 -19.53 -6.46
CA GLU C 145 -7.79 -20.66 -7.04
C GLU C 145 -8.27 -21.60 -5.97
N GLN C 146 -7.46 -21.78 -4.93
CA GLN C 146 -7.82 -22.68 -3.84
C GLN C 146 -8.68 -21.97 -2.81
N ILE C 147 -9.84 -22.54 -2.54
CA ILE C 147 -10.74 -21.89 -1.63
C ILE C 147 -11.44 -22.89 -0.73
N ILE C 148 -11.57 -22.53 0.54
CA ILE C 148 -12.32 -23.31 1.48
C ILE C 148 -13.42 -22.39 1.97
N VAL C 149 -14.66 -22.86 2.05
CA VAL C 149 -15.68 -22.01 2.62
C VAL C 149 -16.19 -22.50 3.97
N ALA C 150 -16.11 -21.59 4.93
CA ALA C 150 -16.62 -21.84 6.25
C ALA C 150 -18.00 -21.23 6.33
N VAL C 151 -19.02 -22.08 6.24
CA VAL C 151 -20.39 -21.65 6.47
C VAL C 151 -20.57 -21.46 7.98
N ASN C 152 -20.55 -20.21 8.43
CA ASN C 152 -20.33 -19.89 9.84
C ASN C 152 -21.60 -19.64 10.65
N LYS C 153 -21.44 -19.54 11.96
CA LYS C 153 -22.54 -19.24 12.88
C LYS C 153 -23.63 -20.32 12.93
N MET C 154 -23.24 -21.58 12.75
CA MET C 154 -24.21 -22.69 12.78
C MET C 154 -24.85 -22.79 14.17
N ASP C 155 -24.11 -22.33 15.16
CA ASP C 155 -24.56 -22.32 16.55
C ASP C 155 -25.69 -21.34 16.82
N ALA C 156 -25.77 -20.28 16.01
CA ALA C 156 -26.74 -19.21 16.26
C ALA C 156 -28.17 -19.75 16.34
N PRO C 157 -28.95 -19.24 17.30
CA PRO C 157 -30.31 -19.74 17.55
C PRO C 157 -31.17 -19.76 16.29
N ASP C 158 -31.06 -18.73 15.46
CA ASP C 158 -31.81 -18.70 14.21
C ASP C 158 -31.24 -19.65 13.15
N VAL C 159 -30.24 -20.44 13.54
CA VAL C 159 -29.69 -21.46 12.66
C VAL C 159 -29.78 -22.83 13.32
N ASN C 160 -29.20 -22.94 14.51
CA ASN C 160 -29.18 -24.19 15.29
C ASN C 160 -28.87 -25.45 14.46
N TYR C 161 -27.72 -25.42 13.78
CA TYR C 161 -27.12 -26.59 13.17
C TYR C 161 -27.99 -27.26 12.10
N ASP C 162 -28.89 -26.50 11.50
CA ASP C 162 -29.84 -27.01 10.51
C ASP C 162 -29.18 -27.31 9.17
N GLN C 163 -29.27 -28.58 8.75
CA GLN C 163 -28.64 -29.04 7.51
C GLN C 163 -29.29 -28.45 6.26
N LYS C 164 -30.61 -28.25 6.33
CA LYS C 164 -31.31 -27.59 5.25
C LYS C 164 -30.80 -26.15 5.01
N ARG C 165 -30.60 -25.39 6.09
CA ARG C 165 -30.09 -24.02 5.93
C ARG C 165 -28.72 -24.11 5.28
N TYR C 166 -27.84 -24.91 5.87
CA TYR C 166 -26.52 -25.19 5.30
C TYR C 166 -26.56 -25.53 3.81
N GLU C 167 -27.40 -26.49 3.42
CA GLU C 167 -27.41 -26.91 2.03
C GLU C 167 -27.97 -25.83 1.13
N PHE C 168 -28.79 -24.96 1.72
CA PHE C 168 -29.29 -23.80 0.99
C PHE C 168 -28.15 -22.84 0.65
N VAL C 169 -27.37 -22.44 1.65
CA VAL C 169 -26.24 -21.54 1.41
C VAL C 169 -25.20 -22.17 0.48
N VAL C 170 -24.94 -23.47 0.63
CA VAL C 170 -24.02 -24.17 -0.27
C VAL C 170 -24.46 -24.08 -1.72
N SER C 171 -25.73 -24.33 -2.00
CA SER C 171 -26.20 -24.35 -3.39
C SER C 171 -26.15 -22.96 -4.03
N VAL C 172 -26.62 -21.95 -3.31
CA VAL C 172 -26.54 -20.56 -3.78
C VAL C 172 -25.09 -20.21 -4.08
N LEU C 173 -24.23 -20.48 -3.11
CA LEU C 173 -22.82 -20.21 -3.24
C LEU C 173 -22.23 -20.96 -4.44
N LYS C 174 -22.66 -22.21 -4.64
CA LYS C 174 -22.16 -22.99 -5.76
C LYS C 174 -22.56 -22.43 -7.12
N LYS C 175 -23.81 -22.02 -7.27
CA LYS C 175 -24.25 -21.53 -8.57
C LYS C 175 -23.48 -20.27 -8.92
N PHE C 176 -23.27 -19.42 -7.93
CA PHE C 176 -22.57 -18.17 -8.16
C PHE C 176 -21.09 -18.40 -8.43
N MET C 177 -20.49 -19.28 -7.63
CA MET C 177 -19.04 -19.50 -7.72
C MET C 177 -18.67 -20.16 -9.06
N LYS C 178 -19.57 -20.98 -9.58
CA LYS C 178 -19.31 -21.64 -10.85
C LYS C 178 -19.36 -20.62 -12.00
N GLY C 179 -20.24 -19.63 -11.90
CA GLY C 179 -20.30 -18.55 -12.88
C GLY C 179 -19.05 -17.68 -12.91
N LEU C 180 -18.23 -17.78 -11.86
CA LEU C 180 -17.00 -17.00 -11.76
C LEU C 180 -15.81 -17.75 -12.38
N GLY C 181 -15.99 -19.06 -12.58
CA GLY C 181 -14.96 -19.90 -13.13
C GLY C 181 -14.29 -20.78 -12.09
N TYR C 182 -14.86 -20.81 -10.89
CA TYR C 182 -14.34 -21.70 -9.85
C TYR C 182 -14.67 -23.15 -10.17
N GLN C 183 -13.77 -24.05 -9.78
CA GLN C 183 -14.04 -25.49 -9.89
C GLN C 183 -14.75 -25.97 -8.64
N VAL C 184 -16.05 -25.79 -8.65
CA VAL C 184 -16.86 -25.84 -7.45
C VAL C 184 -16.96 -27.23 -6.80
N ASP C 185 -16.82 -28.27 -7.64
CA ASP C 185 -16.92 -29.66 -7.19
C ASP C 185 -15.78 -30.01 -6.24
N LYS C 186 -14.66 -29.30 -6.38
CA LYS C 186 -13.46 -29.55 -5.57
C LYS C 186 -13.41 -28.82 -4.22
N ILE C 187 -14.33 -27.89 -3.97
CA ILE C 187 -14.12 -27.05 -2.79
C ILE C 187 -15.02 -27.37 -1.59
N PRO C 188 -14.40 -27.54 -0.42
CA PRO C 188 -15.07 -27.92 0.84
C PRO C 188 -15.99 -26.83 1.35
N PHE C 189 -17.20 -27.23 1.73
CA PHE C 189 -18.13 -26.35 2.42
C PHE C 189 -18.36 -26.88 3.82
N ILE C 190 -17.58 -26.34 4.75
CA ILE C 190 -17.58 -26.83 6.11
C ILE C 190 -18.52 -26.03 6.97
N PRO C 191 -19.48 -26.67 7.65
CA PRO C 191 -20.30 -25.96 8.65
C PRO C 191 -19.55 -25.79 9.95
N VAL C 192 -19.33 -24.54 10.36
CA VAL C 192 -18.57 -24.29 11.56
C VAL C 192 -19.30 -23.29 12.43
N SER C 193 -18.78 -23.14 13.64
CA SER C 193 -19.12 -22.03 14.53
C SER C 193 -17.83 -21.39 15.02
N ALA C 194 -17.43 -20.28 14.40
CA ALA C 194 -16.22 -19.56 14.84
C ALA C 194 -16.22 -19.25 16.33
N TRP C 195 -17.41 -19.14 16.91
CA TRP C 195 -17.57 -18.72 18.30
C TRP C 195 -17.58 -19.92 19.25
N LYS C 196 -18.33 -20.97 18.93
CA LYS C 196 -18.33 -22.18 19.74
C LYS C 196 -17.08 -23.05 19.52
N GLY C 197 -16.65 -23.17 18.26
CA GLY C 197 -15.48 -23.97 17.93
C GLY C 197 -15.79 -25.14 17.01
N ASP C 198 -17.08 -25.44 16.86
CA ASP C 198 -17.56 -26.56 16.05
C ASP C 198 -16.83 -26.72 14.74
N ASN C 199 -16.22 -27.89 14.53
CA ASN C 199 -15.57 -28.21 13.27
C ASN C 199 -14.36 -27.35 12.92
N LEU C 200 -13.87 -26.57 13.89
CA LEU C 200 -12.64 -25.82 13.65
C LEU C 200 -11.47 -26.80 13.57
N ILE C 201 -11.23 -27.55 14.64
CA ILE C 201 -10.10 -28.46 14.67
C ILE C 201 -10.51 -29.91 14.94
N GLU C 202 -11.59 -30.09 15.68
CA GLU C 202 -12.11 -31.42 15.99
C GLU C 202 -13.53 -31.48 15.46
N ARG C 203 -14.08 -32.68 15.39
CA ARG C 203 -15.41 -32.84 14.81
C ARG C 203 -16.52 -32.56 15.82
N SER C 204 -17.64 -32.01 15.34
CA SER C 204 -18.68 -31.49 16.22
C SER C 204 -19.86 -32.44 16.34
N PRO C 205 -20.16 -32.84 17.57
CA PRO C 205 -21.33 -33.67 17.88
C PRO C 205 -22.66 -32.99 17.51
N ASN C 206 -22.71 -31.66 17.53
CA ASN C 206 -23.96 -30.93 17.26
C ASN C 206 -24.43 -31.09 15.82
N MET C 207 -23.50 -31.47 14.94
CA MET C 207 -23.82 -31.62 13.54
C MET C 207 -23.47 -33.00 12.97
N PRO C 208 -24.18 -34.03 13.45
CA PRO C 208 -23.90 -35.43 13.05
C PRO C 208 -24.01 -35.59 11.54
N TRP C 209 -24.90 -34.82 10.92
CA TRP C 209 -25.18 -35.00 9.50
C TRP C 209 -24.01 -34.60 8.60
N TYR C 210 -22.96 -34.00 9.19
CA TYR C 210 -21.84 -33.53 8.37
C TYR C 210 -20.65 -34.50 8.38
N ASN C 211 -20.22 -34.89 7.18
CA ASN C 211 -19.20 -35.94 7.01
C ASN C 211 -17.86 -35.45 6.46
N GLY C 212 -17.80 -34.18 6.07
CA GLY C 212 -16.64 -33.68 5.37
C GLY C 212 -15.48 -33.36 6.29
N PRO C 213 -14.45 -32.69 5.75
CA PRO C 213 -13.31 -32.29 6.57
C PRO C 213 -13.73 -31.29 7.62
N THR C 214 -13.01 -31.25 8.74
CA THR C 214 -13.03 -30.10 9.61
C THR C 214 -12.17 -29.03 8.92
N LEU C 215 -12.12 -27.81 9.45
CA LEU C 215 -11.37 -26.76 8.78
C LEU C 215 -9.88 -27.07 8.72
N VAL C 216 -9.30 -27.56 9.80
CA VAL C 216 -7.88 -27.93 9.79
C VAL C 216 -7.56 -29.02 8.76
N GLU C 217 -8.43 -30.03 8.70
CA GLU C 217 -8.26 -31.10 7.73
C GLU C 217 -8.30 -30.52 6.31
N ALA C 218 -9.17 -29.56 6.09
CA ALA C 218 -9.33 -28.95 4.78
C ALA C 218 -8.08 -28.20 4.39
N LEU C 219 -7.38 -27.70 5.40
CA LEU C 219 -6.18 -26.92 5.19
C LEU C 219 -5.07 -27.83 4.70
N ASP C 220 -5.02 -29.03 5.28
CA ASP C 220 -3.97 -29.98 4.96
C ASP C 220 -4.17 -30.54 3.57
N GLN C 221 -5.41 -30.52 3.11
CA GLN C 221 -5.75 -30.98 1.79
C GLN C 221 -5.46 -29.97 0.70
N LEU C 222 -5.02 -28.78 1.08
CA LEU C 222 -4.65 -27.79 0.07
C LEU C 222 -3.36 -28.28 -0.60
N GLN C 223 -2.97 -27.58 -1.66
CA GLN C 223 -1.75 -27.91 -2.38
C GLN C 223 -0.88 -26.66 -2.53
N PRO C 224 0.44 -26.80 -2.31
CA PRO C 224 1.34 -25.64 -2.36
C PRO C 224 1.55 -25.21 -3.81
N PRO C 225 1.79 -23.91 -4.04
CA PRO C 225 1.85 -23.37 -5.40
C PRO C 225 3.25 -23.44 -6.00
N ALA C 226 3.36 -23.13 -7.28
CA ALA C 226 4.65 -23.09 -7.96
C ALA C 226 5.56 -22.05 -7.32
N LYS C 227 6.84 -22.37 -7.17
CA LYS C 227 7.81 -21.40 -6.65
C LYS C 227 8.73 -20.90 -7.76
N PRO C 228 8.40 -19.73 -8.35
CA PRO C 228 9.15 -19.17 -9.48
C PRO C 228 10.41 -18.41 -9.06
N VAL C 229 11.40 -19.16 -8.57
CA VAL C 229 12.65 -18.58 -8.09
C VAL C 229 13.59 -18.09 -9.20
N ASP C 230 13.35 -18.53 -10.43
CA ASP C 230 14.20 -18.18 -11.58
C ASP C 230 13.74 -16.92 -12.34
N LYS C 231 12.57 -16.40 -11.99
CA LYS C 231 12.12 -15.11 -12.51
C LYS C 231 12.73 -13.99 -11.66
N PRO C 232 12.84 -12.76 -12.21
CA PRO C 232 13.51 -11.70 -11.46
C PRO C 232 12.77 -11.24 -10.20
N LEU C 233 13.51 -10.95 -9.15
CA LEU C 233 12.96 -10.48 -7.88
C LEU C 233 11.89 -9.38 -8.00
N ARG C 234 10.73 -9.63 -7.40
CA ARG C 234 9.65 -8.64 -7.32
C ARG C 234 8.97 -8.76 -5.94
N ILE C 235 8.99 -7.68 -5.18
CA ILE C 235 8.30 -7.64 -3.90
C ILE C 235 7.49 -6.36 -3.81
N PRO C 236 6.16 -6.48 -3.98
CA PRO C 236 5.27 -5.33 -3.82
C PRO C 236 5.23 -4.99 -2.33
N VAL C 237 5.43 -3.73 -1.95
CA VAL C 237 5.38 -3.42 -0.54
C VAL C 237 3.94 -3.17 -0.06
N GLN C 238 3.58 -3.90 0.98
CA GLN C 238 2.26 -3.82 1.58
C GLN C 238 2.22 -2.72 2.66
N ASN C 239 3.33 -2.50 3.33
CA ASN C 239 3.43 -1.42 4.32
C ASN C 239 4.89 -1.13 4.60
N VAL C 240 5.18 0.03 5.15
CA VAL C 240 6.55 0.37 5.49
C VAL C 240 6.63 0.81 6.94
N TYR C 241 7.38 0.07 7.74
CA TYR C 241 7.56 0.43 9.14
C TYR C 241 8.91 1.11 9.34
N SER C 242 9.06 1.82 10.46
CA SER C 242 10.30 2.46 10.83
C SER C 242 10.64 1.97 12.22
N ILE C 243 11.67 1.16 12.33
CA ILE C 243 11.79 0.32 13.51
C ILE C 243 13.12 0.53 14.21
N PRO C 244 13.05 0.83 15.53
CA PRO C 244 14.25 1.08 16.34
C PRO C 244 15.16 -0.12 16.28
N GLY C 245 16.37 0.09 15.78
CA GLY C 245 17.30 -1.01 15.58
C GLY C 245 17.46 -1.38 14.10
N ALA C 246 16.35 -1.43 13.38
CA ALA C 246 16.40 -1.86 11.98
C ALA C 246 16.45 -0.67 11.04
N GLY C 247 15.66 0.35 11.34
CA GLY C 247 15.52 1.47 10.45
C GLY C 247 14.22 1.33 9.70
N THR C 248 14.24 1.63 8.41
CA THR C 248 13.00 1.51 7.66
C THR C 248 12.83 0.13 7.01
N VAL C 249 11.76 -0.55 7.40
CA VAL C 249 11.53 -1.89 6.93
C VAL C 249 10.22 -1.99 6.15
N PRO C 250 10.35 -2.07 4.82
CA PRO C 250 9.23 -2.51 3.99
C PRO C 250 8.82 -3.93 4.35
N VAL C 251 7.54 -4.22 4.22
CA VAL C 251 7.02 -5.55 4.41
C VAL C 251 6.35 -5.92 3.09
N GLY C 252 6.32 -7.21 2.75
CA GLY C 252 5.65 -7.67 1.56
C GLY C 252 5.94 -9.14 1.26
N ARG C 253 5.14 -9.74 0.38
CA ARG C 253 5.37 -11.13 -0.02
C ARG C 253 6.22 -11.21 -1.26
N VAL C 254 7.29 -12.01 -1.20
CA VAL C 254 8.13 -12.27 -2.38
C VAL C 254 7.32 -13.04 -3.42
N GLU C 255 7.09 -12.41 -4.56
CA GLU C 255 6.28 -13.02 -5.61
C GLU C 255 7.16 -13.92 -6.48
N THR C 256 8.26 -13.33 -6.96
CA THR C 256 9.20 -14.01 -7.83
C THR C 256 10.63 -13.65 -7.40
N GLY C 257 11.59 -14.48 -7.77
CA GLY C 257 12.97 -14.23 -7.43
C GLY C 257 13.30 -14.61 -6.01
N VAL C 258 14.51 -14.24 -5.57
CA VAL C 258 14.99 -14.56 -4.24
C VAL C 258 15.70 -13.34 -3.63
N LEU C 259 15.62 -13.18 -2.31
CA LEU C 259 16.24 -12.03 -1.66
C LEU C 259 17.10 -12.46 -0.48
N ARG C 260 18.33 -11.96 -0.44
CA ARG C 260 19.28 -12.36 0.60
C ARG C 260 19.82 -11.14 1.33
N VAL C 261 20.12 -11.30 2.62
CA VAL C 261 20.83 -10.24 3.33
C VAL C 261 22.07 -9.84 2.54
N GLY C 262 22.30 -8.54 2.40
CA GLY C 262 23.45 -8.05 1.68
C GLY C 262 23.04 -7.48 0.34
N ASP C 263 21.95 -8.01 -0.20
CA ASP C 263 21.46 -7.60 -1.51
C ASP C 263 21.27 -6.09 -1.63
N LYS C 264 21.53 -5.57 -2.82
CA LYS C 264 21.19 -4.20 -3.13
C LYS C 264 19.85 -4.26 -3.85
N VAL C 265 18.94 -3.38 -3.48
CA VAL C 265 17.59 -3.44 -4.00
C VAL C 265 17.08 -2.05 -4.39
N VAL C 266 16.19 -1.97 -5.39
CA VAL C 266 15.66 -0.69 -5.81
C VAL C 266 14.13 -0.71 -5.66
N PHE C 267 13.55 0.44 -5.32
CA PHE C 267 12.09 0.51 -5.13
C PHE C 267 11.48 1.38 -6.20
N MET C 268 10.57 0.80 -6.97
CA MET C 268 9.95 1.51 -8.09
C MET C 268 8.47 1.74 -7.83
N PRO C 269 7.92 2.83 -8.37
CA PRO C 269 8.54 3.87 -9.23
C PRO C 269 9.43 5.00 -8.62
N PRO C 270 9.73 5.03 -7.30
CA PRO C 270 10.56 6.20 -6.93
C PRO C 270 11.99 6.17 -7.50
N GLY C 271 12.59 4.98 -7.51
CA GLY C 271 13.95 4.84 -8.00
C GLY C 271 14.97 4.95 -6.89
N VAL C 272 14.55 4.73 -5.66
CA VAL C 272 15.49 4.79 -4.56
C VAL C 272 16.08 3.42 -4.29
N VAL C 273 17.36 3.41 -3.91
CA VAL C 273 18.13 2.20 -3.79
C VAL C 273 18.66 2.04 -2.38
N GLY C 274 18.53 0.86 -1.81
CA GLY C 274 19.12 0.60 -0.50
C GLY C 274 19.77 -0.77 -0.43
N GLU C 275 20.06 -1.22 0.78
CA GLU C 275 20.74 -2.49 0.95
C GLU C 275 20.19 -3.24 2.15
N VAL C 276 19.92 -4.54 1.96
CA VAL C 276 19.28 -5.34 3.00
C VAL C 276 20.21 -5.59 4.19
N ARG C 277 19.82 -5.13 5.37
CA ARG C 277 20.56 -5.37 6.61
C ARG C 277 20.10 -6.68 7.21
N SER C 278 18.82 -6.98 7.01
CA SER C 278 18.19 -8.09 7.70
C SER C 278 16.85 -8.41 7.08
N ILE C 279 16.39 -9.62 7.39
CA ILE C 279 15.15 -10.15 6.85
C ILE C 279 14.45 -10.91 7.95
N GLU C 280 13.13 -10.72 8.06
CA GLU C 280 12.39 -11.39 9.10
C GLU C 280 11.05 -11.92 8.59
N MET C 281 10.78 -13.18 8.88
CA MET C 281 9.45 -13.72 8.71
C MET C 281 8.93 -14.22 10.04
N HIS C 282 7.82 -13.64 10.48
CA HIS C 282 7.18 -13.99 11.75
C HIS C 282 8.14 -14.01 12.93
N TYR C 283 8.95 -12.96 13.00
CA TYR C 283 9.91 -12.71 14.08
C TYR C 283 11.14 -13.62 14.04
N GLN C 284 11.20 -14.50 13.05
CA GLN C 284 12.37 -15.34 12.86
C GLN C 284 13.25 -14.70 11.80
N GLN C 285 14.49 -14.40 12.19
CA GLN C 285 15.46 -13.79 11.28
C GLN C 285 15.84 -14.77 10.17
N LEU C 286 15.98 -14.28 8.95
CA LEU C 286 16.29 -15.11 7.79
C LEU C 286 17.54 -14.60 7.11
N GLN C 287 18.13 -15.43 6.25
CA GLN C 287 19.26 -14.98 5.46
C GLN C 287 18.89 -14.87 3.99
N GLN C 288 17.91 -15.68 3.59
CA GLN C 288 17.36 -15.63 2.24
C GLN C 288 15.85 -15.69 2.34
N ALA C 289 15.17 -15.16 1.34
CA ALA C 289 13.72 -15.27 1.25
C ALA C 289 13.33 -15.62 -0.17
N GLU C 290 12.45 -16.58 -0.33
CA GLU C 290 12.05 -17.07 -1.66
C GLU C 290 10.56 -16.79 -1.91
N PRO C 291 10.06 -17.01 -3.15
CA PRO C 291 8.64 -16.75 -3.41
C PRO C 291 7.72 -17.40 -2.41
N GLY C 292 6.72 -16.65 -1.95
CA GLY C 292 5.81 -17.13 -0.94
C GLY C 292 6.15 -16.60 0.43
N ASP C 293 7.43 -16.28 0.63
CA ASP C 293 7.85 -15.71 1.89
C ASP C 293 7.20 -14.34 2.10
N ASN C 294 6.48 -14.22 3.21
CA ASN C 294 5.87 -12.96 3.61
C ASN C 294 6.78 -12.33 4.66
N ILE C 295 7.43 -11.23 4.30
CA ILE C 295 8.59 -10.76 5.08
C ILE C 295 8.68 -9.26 5.36
N GLY C 296 9.43 -8.91 6.41
CA GLY C 296 9.90 -7.55 6.57
C GLY C 296 11.39 -7.51 6.27
N PHE C 297 11.83 -6.56 5.47
CA PHE C 297 13.26 -6.42 5.16
C PHE C 297 13.86 -5.03 5.42
N ALA C 298 14.76 -4.95 6.40
CA ALA C 298 15.38 -3.66 6.74
C ALA C 298 16.23 -3.12 5.58
N VAL C 299 16.17 -1.82 5.32
CA VAL C 299 16.88 -1.27 4.17
C VAL C 299 17.76 -0.05 4.50
N ARG C 300 19.08 -0.26 4.50
CA ARG C 300 20.04 0.80 4.75
C ARG C 300 20.00 1.81 3.61
N GLY C 301 20.03 3.09 3.95
CA GLY C 301 20.09 4.15 2.94
C GLY C 301 18.76 4.59 2.34
N VAL C 302 17.66 4.13 2.91
CA VAL C 302 16.34 4.47 2.38
C VAL C 302 15.51 5.12 3.46
N SER C 303 14.86 6.24 3.16
CA SER C 303 14.03 6.85 4.16
C SER C 303 12.59 6.35 4.00
N LYS C 304 11.88 6.24 5.11
CA LYS C 304 10.47 5.84 5.06
C LYS C 304 9.67 6.73 4.14
N SER C 305 10.02 8.01 4.09
CA SER C 305 9.30 8.94 3.22
C SER C 305 9.54 8.70 1.73
N ASP C 306 10.64 8.03 1.37
CA ASP C 306 10.92 7.69 -0.02
C ASP C 306 9.96 6.63 -0.56
N ILE C 307 9.52 5.72 0.29
CA ILE C 307 8.79 4.54 -0.17
C ILE C 307 7.43 4.31 0.50
N LYS C 308 6.46 3.83 -0.27
CA LYS C 308 5.13 3.54 0.25
C LYS C 308 4.51 2.24 -0.28
N ARG C 309 3.35 1.90 0.28
CA ARG C 309 2.58 0.75 -0.14
C ARG C 309 2.34 0.84 -1.64
N GLY C 310 2.47 -0.28 -2.32
CA GLY C 310 2.22 -0.29 -3.76
C GLY C 310 3.49 -0.05 -4.56
N ASP C 311 4.56 0.40 -3.91
CA ASP C 311 5.87 0.39 -4.53
C ASP C 311 6.34 -1.06 -4.64
N VAL C 312 7.26 -1.30 -5.58
CA VAL C 312 7.73 -2.67 -5.82
C VAL C 312 9.26 -2.74 -5.79
N ALA C 313 9.78 -3.71 -5.04
CA ALA C 313 11.22 -3.88 -4.89
C ALA C 313 11.75 -5.02 -5.78
N GLY C 314 12.76 -4.72 -6.58
CA GLY C 314 13.45 -5.74 -7.37
C GLY C 314 14.95 -5.50 -7.29
N HIS C 315 15.76 -6.43 -7.81
CA HIS C 315 17.20 -6.21 -7.90
C HIS C 315 17.49 -5.15 -8.97
N LEU C 316 18.71 -4.62 -8.94
CA LEU C 316 19.09 -3.46 -9.73
C LEU C 316 19.22 -3.76 -11.23
N ASP C 317 19.72 -4.95 -11.55
CA ASP C 317 19.90 -5.36 -12.93
C ASP C 317 18.57 -5.61 -13.66
N LYS C 318 17.55 -6.09 -12.94
CA LYS C 318 16.22 -6.29 -13.53
C LYS C 318 15.12 -5.60 -12.69
N PRO C 319 15.10 -4.26 -12.72
CA PRO C 319 14.17 -3.46 -11.89
C PRO C 319 12.72 -3.62 -12.33
N PRO C 320 11.76 -3.55 -11.39
CA PRO C 320 10.34 -3.61 -11.69
C PRO C 320 9.93 -2.58 -12.72
N THR C 321 9.04 -2.98 -13.62
CA THR C 321 8.64 -2.14 -14.73
C THR C 321 7.67 -1.06 -14.27
N VAL C 322 7.97 0.17 -14.66
CA VAL C 322 7.10 1.30 -14.43
C VAL C 322 6.35 1.57 -15.71
N ALA C 323 5.02 1.57 -15.66
CA ALA C 323 4.20 1.78 -16.85
C ALA C 323 3.93 3.25 -17.21
N GLU C 324 4.51 3.71 -18.32
CA GLU C 324 4.12 5.01 -18.85
C GLU C 324 2.69 4.86 -19.35
N GLU C 325 2.42 3.72 -19.94
CA GLU C 325 1.05 3.32 -20.26
C GLU C 325 1.05 1.80 -20.35
N PHE C 326 -0.13 1.20 -20.48
CA PHE C 326 -0.24 -0.24 -20.56
C PHE C 326 -1.55 -0.67 -21.19
N GLU C 327 -1.57 -1.92 -21.67
CA GLU C 327 -2.67 -2.46 -22.44
C GLU C 327 -3.24 -3.61 -21.65
N ALA C 328 -4.56 -3.81 -21.72
CA ALA C 328 -5.17 -4.86 -20.93
C ALA C 328 -6.40 -5.44 -21.59
N ARG C 329 -6.67 -6.71 -21.30
CA ARG C 329 -7.95 -7.29 -21.65
C ARG C 329 -8.86 -7.14 -20.43
N ILE C 330 -10.04 -6.53 -20.61
CA ILE C 330 -10.93 -6.30 -19.48
C ILE C 330 -12.33 -6.83 -19.70
N PHE C 331 -12.98 -7.23 -18.61
CA PHE C 331 -14.40 -7.52 -18.61
C PHE C 331 -15.12 -6.58 -17.66
N VAL C 332 -16.26 -6.05 -18.08
CA VAL C 332 -16.99 -5.10 -17.27
C VAL C 332 -18.07 -5.78 -16.44
N ILE C 333 -17.83 -5.86 -15.14
CA ILE C 333 -18.76 -6.48 -14.22
C ILE C 333 -20.03 -5.64 -14.02
N TRP C 334 -19.85 -4.35 -13.79
CA TRP C 334 -20.97 -3.50 -13.41
C TRP C 334 -20.66 -2.05 -13.77
N HIS C 335 -21.66 -1.39 -14.33
CA HIS C 335 -21.60 0.04 -14.59
C HIS C 335 -22.99 0.62 -14.82
N PRO C 336 -23.26 1.76 -14.17
CA PRO C 336 -24.61 2.32 -14.23
C PRO C 336 -24.95 3.01 -15.55
N SER C 337 -23.95 3.26 -16.39
CA SER C 337 -24.22 3.88 -17.68
C SER C 337 -23.35 3.27 -18.78
N ALA C 338 -22.26 3.95 -19.11
CA ALA C 338 -21.31 3.40 -20.07
C ALA C 338 -19.92 3.88 -19.77
N ILE C 339 -18.94 3.15 -20.29
CA ILE C 339 -17.54 3.50 -20.14
C ILE C 339 -16.99 3.95 -21.48
N THR C 340 -16.35 5.10 -21.51
CA THR C 340 -15.80 5.61 -22.77
C THR C 340 -14.31 5.81 -22.64
N VAL C 341 -13.65 6.12 -23.75
CA VAL C 341 -12.30 6.68 -23.68
C VAL C 341 -12.33 7.84 -22.69
N GLY C 342 -11.34 7.88 -21.80
CA GLY C 342 -11.27 8.94 -20.80
C GLY C 342 -11.69 8.51 -19.39
N TYR C 343 -12.33 7.35 -19.31
CA TYR C 343 -12.83 6.80 -18.05
C TYR C 343 -11.67 6.46 -17.15
N THR C 344 -11.80 6.87 -15.88
CA THR C 344 -10.71 6.80 -14.92
C THR C 344 -11.13 6.20 -13.58
N PRO C 345 -11.17 4.86 -13.51
CA PRO C 345 -11.42 4.15 -12.27
C PRO C 345 -10.07 3.99 -11.54
N VAL C 346 -10.04 3.56 -10.28
CA VAL C 346 -8.74 3.18 -9.73
C VAL C 346 -8.39 1.72 -10.07
N ILE C 347 -7.13 1.52 -10.43
CA ILE C 347 -6.61 0.22 -10.73
C ILE C 347 -6.01 -0.36 -9.48
N HIS C 348 -6.57 -1.47 -8.98
CA HIS C 348 -5.97 -2.26 -7.92
C HIS C 348 -5.15 -3.41 -8.50
N VAL C 349 -3.82 -3.26 -8.47
CA VAL C 349 -2.88 -4.26 -8.97
C VAL C 349 -1.82 -4.53 -7.90
N HIS C 350 -1.47 -5.82 -7.73
CA HIS C 350 -0.70 -6.29 -6.57
C HIS C 350 -1.08 -5.49 -5.29
N THR C 351 -0.15 -4.80 -4.66
CA THR C 351 -0.48 -3.99 -3.49
C THR C 351 -0.87 -2.55 -3.82
N ALA C 352 -0.76 -2.16 -5.08
CA ALA C 352 -0.99 -0.77 -5.47
C ALA C 352 -2.46 -0.44 -5.82
N SER C 353 -2.77 0.85 -5.84
CA SER C 353 -4.08 1.33 -6.29
C SER C 353 -3.97 2.75 -6.80
N VAL C 354 -3.96 2.89 -8.12
CA VAL C 354 -3.69 4.17 -8.74
C VAL C 354 -4.71 4.43 -9.82
N SER C 355 -5.35 5.59 -9.79
CA SER C 355 -6.26 5.92 -10.88
C SER C 355 -5.52 5.87 -12.22
N SER C 356 -6.22 5.38 -13.26
CA SER C 356 -5.66 5.23 -14.60
C SER C 356 -6.70 5.59 -15.65
N ARG C 357 -6.30 6.38 -16.64
CA ARG C 357 -7.24 6.86 -17.63
C ARG C 357 -7.25 5.96 -18.86
N ILE C 358 -8.45 5.57 -19.30
CA ILE C 358 -8.57 4.83 -20.55
C ILE C 358 -8.33 5.79 -21.72
N ILE C 359 -7.18 5.66 -22.36
CA ILE C 359 -6.85 6.53 -23.48
C ILE C 359 -7.40 6.02 -24.83
N GLU C 360 -7.62 4.72 -24.97
CA GLU C 360 -8.35 4.15 -26.12
C GLU C 360 -8.93 2.78 -25.85
N ILE C 361 -10.03 2.49 -26.55
CA ILE C 361 -10.66 1.18 -26.54
C ILE C 361 -10.44 0.53 -27.92
N LYS C 362 -9.36 -0.24 -28.04
CA LYS C 362 -8.97 -0.81 -29.34
C LYS C 362 -10.03 -1.75 -29.94
N ALA C 363 -10.66 -2.59 -29.11
CA ALA C 363 -11.66 -3.53 -29.62
C ALA C 363 -12.60 -4.08 -28.53
N LYS C 364 -13.89 -4.21 -28.86
CA LYS C 364 -14.85 -4.98 -28.06
C LYS C 364 -14.69 -6.44 -28.44
N LEU C 365 -14.73 -7.33 -27.46
CA LEU C 365 -14.63 -8.75 -27.72
C LEU C 365 -15.89 -9.47 -27.23
N ASP C 366 -16.20 -10.60 -27.87
CA ASP C 366 -17.20 -11.51 -27.30
C ASP C 366 -16.60 -12.12 -26.03
N PRO C 367 -17.24 -11.87 -24.88
CA PRO C 367 -16.72 -12.27 -23.56
C PRO C 367 -16.33 -13.75 -23.42
N LYS C 368 -16.90 -14.64 -24.25
CA LYS C 368 -16.66 -16.09 -24.12
C LYS C 368 -15.62 -16.62 -25.12
N THR C 369 -15.59 -16.04 -26.31
CA THR C 369 -14.75 -16.54 -27.40
C THR C 369 -13.46 -15.75 -27.59
N GLY C 370 -13.54 -14.43 -27.39
CA GLY C 370 -12.35 -13.60 -27.45
C GLY C 370 -12.12 -12.95 -28.79
N GLN C 371 -13.00 -13.24 -29.74
CA GLN C 371 -12.90 -12.63 -31.06
C GLN C 371 -13.37 -11.16 -31.02
N VAL C 372 -12.73 -10.34 -31.86
CA VAL C 372 -13.17 -8.96 -32.03
C VAL C 372 -14.58 -8.90 -32.61
N VAL C 373 -15.44 -8.10 -32.00
CA VAL C 373 -16.81 -7.95 -32.45
C VAL C 373 -17.00 -6.52 -32.96
N GLU C 374 -16.04 -5.66 -32.64
CA GLU C 374 -16.03 -4.28 -33.14
C GLU C 374 -14.76 -3.52 -32.84
N GLN C 375 -14.11 -3.00 -33.88
CA GLN C 375 -12.97 -2.11 -33.72
C GLN C 375 -13.44 -0.79 -33.15
N ASN C 376 -12.59 -0.19 -32.31
CA ASN C 376 -12.87 1.07 -31.61
C ASN C 376 -14.34 1.35 -31.30
N PRO C 377 -14.93 0.55 -30.42
CA PRO C 377 -16.34 0.77 -30.05
C PRO C 377 -16.56 2.18 -29.50
N GLN C 378 -17.79 2.67 -29.64
CA GLN C 378 -18.08 4.03 -29.24
C GLN C 378 -18.06 4.07 -27.71
N PHE C 379 -18.39 2.94 -27.11
CA PHE C 379 -18.32 2.76 -25.67
C PHE C 379 -18.32 1.26 -25.29
N LEU C 380 -18.15 0.99 -24.00
CA LEU C 380 -18.36 -0.32 -23.43
C LEU C 380 -19.50 -0.23 -22.44
N LYS C 381 -20.16 -1.35 -22.17
CA LYS C 381 -21.12 -1.40 -21.07
C LYS C 381 -21.01 -2.71 -20.29
N ALA C 382 -21.79 -2.79 -19.21
CA ALA C 382 -21.79 -3.99 -18.37
C ALA C 382 -22.04 -5.22 -19.22
N GLY C 383 -21.14 -6.18 -19.12
CA GLY C 383 -21.22 -7.40 -19.90
C GLY C 383 -20.19 -7.47 -21.01
N ASP C 384 -19.63 -6.33 -21.38
CA ASP C 384 -18.66 -6.30 -22.47
C ASP C 384 -17.30 -6.75 -22.00
N ALA C 385 -16.54 -7.30 -22.95
CA ALA C 385 -15.12 -7.54 -22.78
C ALA C 385 -14.39 -6.72 -23.84
N ALA C 386 -13.13 -6.37 -23.60
CA ALA C 386 -12.44 -5.45 -24.49
C ALA C 386 -10.93 -5.50 -24.34
N ILE C 387 -10.22 -4.95 -25.32
CA ILE C 387 -8.79 -4.69 -25.18
C ILE C 387 -8.67 -3.18 -25.12
N VAL C 388 -8.07 -2.66 -24.07
CA VAL C 388 -8.04 -1.20 -23.86
C VAL C 388 -6.65 -0.73 -23.51
N ARG C 389 -6.40 0.55 -23.75
CA ARG C 389 -5.15 1.15 -23.33
C ARG C 389 -5.34 2.00 -22.04
N PHE C 390 -4.37 1.91 -21.14
CA PHE C 390 -4.44 2.59 -19.85
C PHE C 390 -3.23 3.50 -19.61
N LYS C 391 -3.49 4.76 -19.25
CA LYS C 391 -2.43 5.65 -18.75
C LYS C 391 -2.66 5.97 -17.28
N PRO C 392 -1.81 5.42 -16.39
CA PRO C 392 -1.93 5.68 -14.96
C PRO C 392 -1.77 7.17 -14.63
N VAL C 393 -2.58 7.67 -13.70
CA VAL C 393 -2.53 9.08 -13.32
C VAL C 393 -1.21 9.44 -12.63
N LYS C 394 -0.69 8.54 -11.80
CA LYS C 394 0.64 8.70 -11.22
C LYS C 394 1.45 7.44 -11.54
N PRO C 395 2.80 7.53 -11.47
CA PRO C 395 3.65 6.37 -11.77
C PRO C 395 3.19 5.06 -11.12
N LEU C 396 3.05 4.02 -11.95
CA LEU C 396 2.57 2.74 -11.48
C LEU C 396 3.44 1.60 -11.97
N VAL C 397 3.73 0.64 -11.10
CA VAL C 397 4.39 -0.57 -11.52
C VAL C 397 3.41 -1.65 -11.95
N VAL C 398 3.57 -2.16 -13.20
CA VAL C 398 2.89 -3.38 -13.68
C VAL C 398 3.77 -4.28 -14.55
N GLU C 399 3.52 -5.58 -14.49
CA GLU C 399 4.16 -6.51 -15.41
C GLU C 399 3.10 -7.15 -16.33
N LYS C 400 3.54 -7.69 -17.47
CA LYS C 400 2.67 -8.47 -18.38
C LYS C 400 2.23 -9.73 -17.66
N PHE C 401 0.96 -10.07 -17.83
CA PHE C 401 0.42 -11.24 -17.18
C PHE C 401 1.21 -12.47 -17.60
N SER C 402 1.53 -12.54 -18.90
CA SER C 402 2.31 -13.65 -19.46
C SER C 402 3.69 -13.80 -18.84
N GLU C 403 4.28 -12.69 -18.40
CA GLU C 403 5.59 -12.72 -17.75
C GLU C 403 5.51 -12.94 -16.22
N ILE C 404 4.97 -11.97 -15.49
CA ILE C 404 4.76 -12.10 -14.05
C ILE C 404 3.29 -11.89 -13.68
N PRO C 405 2.51 -12.97 -13.68
CA PRO C 405 1.06 -12.84 -13.52
C PRO C 405 0.64 -12.17 -12.22
N GLN C 406 1.47 -12.22 -11.19
CA GLN C 406 1.04 -11.67 -9.91
C GLN C 406 1.18 -10.16 -9.86
N LEU C 407 1.71 -9.57 -10.92
CA LEU C 407 1.75 -8.12 -11.03
C LEU C 407 1.00 -7.72 -12.27
N GLY C 408 0.20 -8.63 -12.78
CA GLY C 408 -0.41 -8.43 -14.09
C GLY C 408 -1.90 -8.71 -14.15
N ARG C 409 -2.52 -8.80 -12.98
CA ARG C 409 -3.98 -8.94 -12.89
C ARG C 409 -4.51 -7.83 -11.99
N PHE C 410 -5.70 -7.33 -12.29
CA PHE C 410 -6.15 -6.11 -11.65
C PHE C 410 -7.66 -5.97 -11.59
N ALA C 411 -8.15 -5.19 -10.63
CA ALA C 411 -9.54 -4.78 -10.59
C ALA C 411 -9.67 -3.30 -10.88
N MET C 412 -10.82 -2.91 -11.38
CA MET C 412 -11.09 -1.51 -11.65
C MET C 412 -12.22 -1.17 -10.71
N ARG C 413 -12.04 -0.11 -9.94
CA ARG C 413 -13.10 0.32 -9.02
C ARG C 413 -13.35 1.79 -9.13
N ASP C 414 -14.60 2.18 -8.91
CA ASP C 414 -15.04 3.54 -9.05
C ASP C 414 -16.30 3.74 -8.22
N MET C 415 -16.44 4.94 -7.67
CA MET C 415 -17.49 5.25 -6.69
C MET C 415 -17.71 4.13 -5.64
N ASN C 416 -16.61 3.59 -5.15
CA ASN C 416 -16.63 2.48 -4.19
C ASN C 416 -17.44 1.25 -4.62
N ARG C 417 -17.24 0.86 -5.87
CA ARG C 417 -17.77 -0.40 -6.36
C ARG C 417 -16.75 -1.04 -7.30
N THR C 418 -16.79 -2.36 -7.40
CA THR C 418 -15.95 -3.03 -8.38
C THR C 418 -16.65 -2.99 -9.74
N VAL C 419 -16.00 -2.37 -10.71
CA VAL C 419 -16.63 -2.11 -11.99
C VAL C 419 -16.22 -3.15 -13.00
N GLY C 420 -14.93 -3.51 -12.98
CA GLY C 420 -14.40 -4.42 -13.97
C GLY C 420 -13.17 -5.17 -13.50
N ILE C 421 -12.73 -6.13 -14.31
CA ILE C 421 -11.57 -6.93 -13.96
C ILE C 421 -10.65 -6.98 -15.19
N GLY C 422 -9.38 -7.29 -14.99
CA GLY C 422 -8.43 -7.21 -16.08
C GLY C 422 -7.14 -7.98 -15.94
N ILE C 423 -6.54 -8.30 -17.09
CA ILE C 423 -5.18 -8.82 -17.10
C ILE C 423 -4.36 -7.96 -18.05
N VAL C 424 -3.12 -7.63 -17.67
CA VAL C 424 -2.33 -6.78 -18.54
C VAL C 424 -1.58 -7.59 -19.61
N THR C 425 -1.84 -7.21 -20.85
CA THR C 425 -1.38 -7.94 -22.02
C THR C 425 -0.13 -7.32 -22.61
N ASP C 426 0.14 -6.06 -22.22
CA ASP C 426 1.34 -5.34 -22.65
C ASP C 426 1.62 -4.06 -21.83
N VAL C 427 2.90 -3.75 -21.64
CA VAL C 427 3.32 -2.54 -20.91
C VAL C 427 4.33 -1.71 -21.67
N LYS C 428 4.05 -0.41 -21.85
CA LYS C 428 5.07 0.52 -22.33
C LYS C 428 5.85 1.15 -21.17
N PRO C 429 7.14 0.79 -21.02
CA PRO C 429 7.94 1.22 -19.87
C PRO C 429 8.24 2.70 -19.87
N ALA C 430 8.33 3.27 -18.67
CA ALA C 430 8.70 4.66 -18.47
C ALA C 430 10.16 4.87 -18.87
N LEU D 7 58.95 54.00 26.72
CA LEU D 7 58.94 52.51 26.72
C LEU D 7 58.05 51.95 27.84
N ARG D 8 57.80 52.76 28.86
CA ARG D 8 57.00 52.35 30.03
C ARG D 8 55.50 52.63 29.87
N THR D 9 55.11 53.18 28.73
CA THR D 9 53.72 53.53 28.45
C THR D 9 53.05 52.53 27.49
N ALA D 10 53.53 51.29 27.50
CA ALA D 10 53.02 50.25 26.61
C ALA D 10 51.52 49.94 26.75
N ARG D 11 51.01 49.93 27.97
CA ARG D 11 49.60 49.58 28.17
C ARG D 11 48.62 50.51 27.45
N LYS D 12 48.85 51.81 27.45
CA LYS D 12 47.92 52.71 26.78
C LYS D 12 47.79 52.39 25.30
N LEU D 13 48.92 52.21 24.62
CA LEU D 13 48.86 51.87 23.21
C LEU D 13 48.15 50.52 23.05
N ARG D 14 48.47 49.56 23.94
CA ARG D 14 47.84 48.25 23.90
C ARG D 14 46.31 48.34 24.05
N SER D 15 45.88 49.06 25.08
CA SER D 15 44.44 49.26 25.33
C SER D 15 43.76 50.09 24.24
N HIS D 16 44.46 51.12 23.78
CA HIS D 16 43.94 52.03 22.77
C HIS D 16 43.58 51.32 21.47
N ARG D 17 44.46 50.44 21.02
CA ARG D 17 44.26 49.70 19.77
C ARG D 17 43.00 48.85 19.71
N ARG D 18 42.79 48.03 20.73
CA ARG D 18 41.62 47.17 20.78
C ARG D 18 40.30 47.98 20.77
N ASP D 19 40.27 49.05 21.55
CA ASP D 19 39.07 49.90 21.66
C ASP D 19 38.75 50.71 20.40
N GLN D 20 39.78 51.24 19.77
CA GLN D 20 39.63 51.99 18.54
C GLN D 20 39.23 51.03 17.42
N LYS D 21 39.64 49.79 17.60
CA LYS D 21 39.35 48.70 16.69
C LYS D 21 37.84 48.49 16.54
N TRP D 22 37.11 48.70 17.62
CA TRP D 22 35.64 48.57 17.63
C TRP D 22 34.99 49.35 16.49
N HIS D 23 35.70 50.30 15.93
CA HIS D 23 35.15 51.11 14.86
C HIS D 23 34.97 50.31 13.57
N ASP D 24 35.67 49.18 13.43
CA ASP D 24 35.51 48.32 12.25
C ASP D 24 34.22 47.49 12.40
N LYS D 25 33.23 47.78 11.55
CA LYS D 25 31.92 47.10 11.61
C LYS D 25 31.97 45.57 11.42
N GLN D 26 32.79 45.06 10.51
CA GLN D 26 32.86 43.61 10.34
C GLN D 26 33.48 42.96 11.59
N TYR D 27 34.51 43.61 12.14
CA TYR D 27 35.14 43.16 13.38
C TYR D 27 34.10 43.16 14.50
N LYS D 28 33.33 44.23 14.50
CA LYS D 28 32.24 44.44 15.43
C LYS D 28 31.20 43.32 15.29
N LYS D 29 30.94 42.92 14.04
CA LYS D 29 29.98 41.87 13.74
C LYS D 29 30.37 40.53 14.39
N ALA D 30 31.66 40.21 14.35
CA ALA D 30 32.16 39.00 14.97
C ALA D 30 32.09 39.14 16.50
N HIS D 31 32.43 40.33 16.97
CA HIS D 31 32.47 40.67 18.39
C HIS D 31 31.12 40.56 19.13
N LEU D 32 30.04 40.97 18.49
CA LEU D 32 28.72 40.90 19.11
C LEU D 32 27.98 39.67 18.56
N GLY D 33 27.31 38.91 19.44
CA GLY D 33 26.60 37.68 19.02
C GLY D 33 25.50 37.87 17.95
N THR D 34 25.60 38.98 17.24
CA THR D 34 24.66 39.38 16.20
C THR D 34 24.55 38.42 14.98
N ALA D 35 25.66 37.88 14.49
CA ALA D 35 25.63 37.01 13.30
C ALA D 35 24.75 35.79 13.50
N LEU D 36 24.85 35.24 14.68
CA LEU D 36 24.06 34.11 15.11
C LEU D 36 22.56 34.47 15.04
N LYS D 37 22.22 35.70 15.44
CA LYS D 37 20.81 36.13 15.50
C LYS D 37 20.30 37.14 14.41
N ALA D 38 21.13 37.59 13.48
CA ALA D 38 20.66 38.57 12.46
C ALA D 38 19.92 37.93 11.27
N ASN D 39 19.94 36.62 11.15
CA ASN D 39 19.28 35.92 10.04
C ASN D 39 18.58 34.63 10.50
N PRO D 40 17.63 34.12 9.70
CA PRO D 40 16.86 32.89 10.03
C PRO D 40 17.77 31.64 10.18
N PHE D 41 18.87 31.64 9.45
CA PHE D 41 19.86 30.54 9.46
C PHE D 41 20.65 30.40 10.76
N GLY D 42 21.00 31.51 11.41
CA GLY D 42 21.85 31.41 12.59
C GLY D 42 23.32 31.39 12.16
N GLY D 43 23.58 32.05 11.03
CA GLY D 43 24.91 32.07 10.45
C GLY D 43 25.12 30.92 9.47
N ALA D 44 24.12 30.05 9.35
CA ALA D 44 24.20 28.90 8.46
C ALA D 44 24.16 29.22 6.96
N SER D 45 25.00 28.51 6.21
CA SER D 45 25.08 28.66 4.76
C SER D 45 23.83 28.14 4.02
N HIS D 46 23.31 27.00 4.47
CA HIS D 46 22.15 26.36 3.83
C HIS D 46 21.00 25.98 4.78
N ALA D 47 19.75 26.18 4.35
CA ALA D 47 18.60 25.77 5.15
C ALA D 47 17.49 25.11 4.30
N LYS D 48 17.02 23.94 4.73
CA LYS D 48 15.93 23.24 4.04
C LYS D 48 14.61 23.99 4.27
N GLY D 49 13.77 24.08 3.24
CA GLY D 49 12.52 24.81 3.40
C GLY D 49 11.36 24.33 2.54
N ILE D 50 10.20 24.92 2.80
CA ILE D 50 8.93 24.61 2.12
C ILE D 50 8.33 25.82 1.41
N VAL D 51 7.95 25.66 0.13
CA VAL D 51 7.37 26.79 -0.63
C VAL D 51 5.92 27.06 -0.19
N LEU D 52 5.75 28.09 0.66
CA LEU D 52 4.43 28.48 1.15
C LEU D 52 3.53 29.08 0.06
N GLU D 53 4.14 29.87 -0.78
CA GLU D 53 3.44 30.51 -1.88
C GLU D 53 4.45 30.94 -2.92
N LYS D 54 3.97 31.14 -4.11
CA LYS D 54 4.81 31.62 -5.17
C LYS D 54 4.21 32.95 -5.62
N VAL D 55 4.99 33.99 -5.52
CA VAL D 55 4.51 35.32 -5.85
C VAL D 55 5.39 36.04 -6.87
N GLY D 56 4.77 36.56 -7.91
CA GLY D 56 5.54 37.30 -8.88
C GLY D 56 5.87 38.70 -8.35
N VAL D 57 7.06 39.19 -8.63
CA VAL D 57 7.46 40.50 -8.14
C VAL D 57 8.02 41.38 -9.26
N GLU D 58 8.01 42.69 -9.02
CA GLU D 58 8.47 43.67 -10.00
C GLU D 58 9.90 44.16 -9.72
N ALA D 59 10.66 44.33 -10.80
CA ALA D 59 12.06 44.79 -10.72
C ALA D 59 12.17 46.26 -10.29
N LYS D 60 13.32 46.61 -9.75
CA LYS D 60 13.55 47.96 -9.22
C LYS D 60 14.30 48.88 -10.17
N GLN D 61 13.86 50.15 -10.22
CA GLN D 61 14.52 51.21 -11.01
C GLN D 61 14.25 51.09 -12.54
N PRO D 62 15.16 51.52 -13.48
CA PRO D 62 14.87 51.40 -14.92
C PRO D 62 14.63 49.96 -15.41
N ASN D 63 15.24 48.97 -14.76
CA ASN D 63 15.04 47.59 -15.19
C ASN D 63 13.59 47.15 -14.94
N SER D 64 12.94 46.59 -15.96
CA SER D 64 11.56 46.14 -15.78
C SER D 64 11.47 44.64 -16.03
N ALA D 65 11.03 43.90 -15.03
CA ALA D 65 10.94 42.45 -15.15
C ALA D 65 10.05 41.82 -14.09
N ILE D 66 9.59 40.61 -14.40
CA ILE D 66 8.84 39.86 -13.42
C ILE D 66 9.81 38.83 -12.90
N ARG D 67 10.05 38.88 -11.63
CA ARG D 67 10.99 38.00 -10.98
C ARG D 67 10.27 36.93 -10.22
N LYS D 68 10.77 35.72 -10.27
CA LYS D 68 10.12 34.64 -9.59
C LYS D 68 10.55 34.65 -8.12
N CYS D 69 9.57 34.75 -7.23
CA CYS D 69 9.84 34.83 -5.79
C CYS D 69 9.00 33.83 -4.96
N VAL D 70 9.66 33.19 -3.99
CA VAL D 70 9.03 32.19 -3.12
C VAL D 70 9.14 32.50 -1.62
N ARG D 71 8.03 32.45 -0.89
CA ARG D 71 8.12 32.63 0.56
C ARG D 71 8.21 31.23 1.19
N VAL D 72 9.24 31.05 2.00
CA VAL D 72 9.59 29.74 2.54
C VAL D 72 9.60 29.59 4.07
N GLN D 73 8.92 28.54 4.52
CA GLN D 73 8.87 28.19 5.95
C GLN D 73 10.08 27.27 6.25
N LEU D 74 10.97 27.69 7.16
CA LEU D 74 12.17 26.90 7.48
C LEU D 74 11.91 25.79 8.51
N ILE D 75 12.66 24.68 8.42
CA ILE D 75 12.48 23.51 9.31
C ILE D 75 12.65 23.75 10.83
N LYS D 76 13.89 23.86 11.33
CA LYS D 76 14.09 24.07 12.79
C LYS D 76 13.64 25.46 13.21
N ASN D 77 13.94 26.44 12.37
CA ASN D 77 13.63 27.84 12.66
C ASN D 77 12.12 28.17 12.64
N GLY D 78 11.40 27.65 11.66
CA GLY D 78 9.97 27.92 11.60
C GLY D 78 9.63 29.38 11.26
N LYS D 79 10.50 30.07 10.52
CA LYS D 79 10.27 31.49 10.22
C LYS D 79 10.09 31.80 8.73
N LYS D 80 9.30 32.85 8.46
CA LYS D 80 9.04 33.31 7.09
C LYS D 80 10.33 33.79 6.41
N ILE D 81 10.46 33.45 5.13
CA ILE D 81 11.65 33.80 4.36
C ILE D 81 11.31 34.30 2.96
N THR D 82 12.03 35.31 2.50
CA THR D 82 11.84 35.82 1.16
C THR D 82 12.95 35.24 0.27
N ALA D 83 12.57 34.50 -0.76
CA ALA D 83 13.55 33.83 -1.60
C ALA D 83 13.40 34.08 -3.10
N PHE D 84 14.55 34.04 -3.76
CA PHE D 84 14.66 34.27 -5.19
C PHE D 84 14.77 32.97 -6.01
N VAL D 85 13.86 32.81 -6.97
CA VAL D 85 13.90 31.68 -7.90
C VAL D 85 14.91 32.03 -9.01
N PRO D 86 15.87 31.15 -9.34
CA PRO D 86 16.93 31.51 -10.29
C PRO D 86 16.77 31.29 -11.82
N ASN D 87 16.57 30.06 -12.24
CA ASN D 87 16.51 29.73 -13.67
C ASN D 87 15.22 30.12 -14.37
N ASP D 88 15.33 30.21 -15.69
CA ASP D 88 14.28 30.63 -16.63
C ASP D 88 12.85 30.10 -16.36
N GLY D 89 12.61 28.81 -16.56
CA GLY D 89 11.26 28.28 -16.35
C GLY D 89 11.15 27.40 -15.12
N CYS D 90 11.87 27.78 -14.08
CA CYS D 90 11.86 27.03 -12.82
C CYS D 90 10.45 26.98 -12.22
N LEU D 91 9.63 27.97 -12.56
CA LEU D 91 8.24 28.06 -12.09
C LEU D 91 7.47 26.83 -12.55
N ASN D 92 7.72 26.41 -13.77
CA ASN D 92 7.06 25.22 -14.33
C ASN D 92 7.43 24.03 -13.42
N PHE D 93 8.68 24.00 -12.98
CA PHE D 93 9.17 22.94 -12.11
C PHE D 93 9.03 23.21 -10.60
N ILE D 94 8.49 24.34 -10.19
CA ILE D 94 8.33 24.59 -8.76
C ILE D 94 6.88 24.44 -8.38
N GLU D 95 6.67 23.51 -7.49
CA GLU D 95 5.36 23.19 -7.01
C GLU D 95 5.30 23.50 -5.51
N GLU D 96 4.15 23.92 -5.06
CA GLU D 96 3.96 24.27 -3.65
C GLU D 96 4.23 23.07 -2.72
N ASN D 97 4.87 23.37 -1.59
CA ASN D 97 5.21 22.38 -0.55
C ASN D 97 6.14 21.22 -1.00
N ASP D 98 7.12 21.53 -1.82
CA ASP D 98 8.14 20.54 -2.20
C ASP D 98 9.40 20.98 -1.45
N GLU D 99 10.14 20.05 -0.86
CA GLU D 99 11.32 20.45 -0.09
C GLU D 99 12.36 21.19 -0.94
N VAL D 100 12.79 22.34 -0.43
CA VAL D 100 13.71 23.24 -1.12
C VAL D 100 14.92 23.68 -0.29
N LEU D 101 16.12 23.58 -0.84
CA LEU D 101 17.32 24.02 -0.13
C LEU D 101 17.67 25.43 -0.59
N VAL D 102 17.90 26.34 0.37
CA VAL D 102 18.20 27.73 0.02
C VAL D 102 19.58 28.18 0.54
N ALA D 103 20.21 29.03 -0.26
CA ALA D 103 21.56 29.56 0.01
C ALA D 103 21.66 31.05 -0.39
N GLY D 104 22.64 31.78 0.15
CA GLY D 104 22.76 33.21 -0.17
C GLY D 104 23.63 33.62 -1.39
N PHE D 105 23.55 34.91 -1.74
CA PHE D 105 24.33 35.53 -2.84
C PHE D 105 25.41 36.48 -2.33
N GLY D 106 26.50 36.57 -3.12
CA GLY D 106 27.66 37.45 -2.86
C GLY D 106 27.69 38.10 -1.48
N ARG D 107 28.62 37.60 -0.62
CA ARG D 107 28.84 37.99 0.81
C ARG D 107 27.52 38.46 1.53
N LYS D 108 27.33 38.10 2.79
CA LYS D 108 26.06 38.46 3.46
C LYS D 108 25.85 39.98 3.51
N GLY D 109 24.60 40.41 3.29
CA GLY D 109 24.32 41.84 3.30
C GLY D 109 23.26 42.29 2.31
N HIS D 110 23.71 42.73 1.15
CA HIS D 110 22.81 43.30 0.14
C HIS D 110 22.56 42.32 -1.02
N ALA D 111 21.33 42.28 -1.48
CA ALA D 111 20.93 41.44 -2.60
C ALA D 111 21.49 41.99 -3.91
N VAL D 112 21.38 41.21 -4.98
CA VAL D 112 21.83 41.68 -6.28
C VAL D 112 21.09 42.99 -6.56
N GLY D 113 21.77 43.97 -7.14
CA GLY D 113 21.15 45.27 -7.32
C GLY D 113 19.79 45.20 -8.01
N ASP D 114 19.64 44.34 -9.01
CA ASP D 114 18.34 44.17 -9.68
C ASP D 114 17.22 43.69 -8.71
N ILE D 115 17.55 42.76 -7.81
CA ILE D 115 16.61 42.17 -6.84
C ILE D 115 16.21 43.17 -5.72
N PRO D 116 14.96 43.10 -5.17
CA PRO D 116 14.49 44.04 -4.13
C PRO D 116 14.84 43.71 -2.67
N GLY D 117 14.08 42.80 -2.05
CA GLY D 117 14.31 42.49 -0.64
C GLY D 117 14.69 41.05 -0.37
N VAL D 118 15.35 40.38 -1.30
CA VAL D 118 15.69 38.97 -1.10
C VAL D 118 17.19 38.71 -0.90
N ARG D 119 17.53 38.15 0.24
CA ARG D 119 18.91 37.80 0.57
C ARG D 119 19.16 36.31 0.33
N PHE D 120 18.15 35.59 -0.21
CA PHE D 120 18.28 34.14 -0.34
C PHE D 120 17.97 33.60 -1.76
N LYS D 121 18.63 32.49 -2.07
CA LYS D 121 18.53 31.79 -3.37
C LYS D 121 18.02 30.35 -3.20
N VAL D 122 17.15 29.92 -4.10
CA VAL D 122 16.61 28.56 -4.09
C VAL D 122 17.41 27.65 -5.04
N VAL D 123 18.03 26.58 -4.52
CA VAL D 123 18.83 25.70 -5.38
C VAL D 123 18.37 24.22 -5.45
N LYS D 124 17.56 23.74 -4.51
CA LYS D 124 17.11 22.34 -4.59
C LYS D 124 15.60 22.15 -4.57
N VAL D 125 15.13 21.22 -5.39
CA VAL D 125 13.72 20.85 -5.42
C VAL D 125 13.61 19.36 -5.09
N ALA D 126 12.88 19.01 -4.02
CA ALA D 126 12.71 17.61 -3.62
C ALA D 126 14.07 16.88 -3.42
N ASN D 127 15.04 17.59 -2.83
CA ASN D 127 16.42 17.08 -2.60
C ASN D 127 17.10 16.72 -3.94
N VAL D 128 16.82 17.55 -4.92
CA VAL D 128 17.37 17.46 -6.28
C VAL D 128 17.92 18.80 -6.72
N SER D 129 19.14 18.84 -7.24
CA SER D 129 19.72 20.12 -7.64
C SER D 129 18.99 20.69 -8.88
N LEU D 130 19.01 22.02 -8.98
CA LEU D 130 18.38 22.77 -10.06
C LEU D 130 18.87 22.46 -11.47
N LEU D 131 20.16 22.25 -11.62
CA LEU D 131 20.78 22.03 -12.93
C LEU D 131 20.14 20.80 -13.59
N ALA D 132 19.87 19.76 -12.82
CA ALA D 132 19.28 18.54 -13.40
C ALA D 132 17.89 18.75 -14.08
N LEU D 133 16.98 19.45 -13.44
CA LEU D 133 15.65 19.74 -14.03
C LEU D 133 15.76 20.65 -15.26
N TYR D 134 16.65 21.63 -15.14
CA TYR D 134 16.85 22.67 -16.16
C TYR D 134 17.27 22.15 -17.55
N LYS D 135 18.17 21.19 -17.63
CA LYS D 135 18.56 20.63 -18.92
C LYS D 135 17.88 19.26 -19.11
N GLY D 136 17.44 18.99 -20.33
CA GLY D 136 16.66 17.78 -20.64
C GLY D 136 17.31 16.43 -20.34
N LYS D 137 18.59 16.34 -20.57
CA LYS D 137 19.36 15.10 -20.37
C LYS D 137 19.35 14.57 -18.91
N LYS D 138 19.09 15.40 -17.92
CA LYS D 138 19.27 14.95 -16.53
C LYS D 138 18.02 14.31 -15.86
N GLU D 139 17.04 15.08 -15.37
CA GLU D 139 15.89 14.43 -14.69
C GLU D 139 14.51 15.02 -15.00
N ARG D 140 13.48 14.17 -14.84
CA ARG D 140 12.08 14.56 -15.08
C ARG D 140 11.11 13.46 -14.62
N PRO D 141 10.35 13.71 -13.67
#